data_7JLS
#
_entry.id   7JLS
#
_cell.length_a   54.050
_cell.length_b   69.960
_cell.length_c   65.390
_cell.angle_alpha   90.000
_cell.angle_beta   109.500
_cell.angle_gamma   90.000
#
_symmetry.space_group_name_H-M   'P 1 21 1'
#
loop_
_entity.id
_entity.type
_entity.pdbx_description
1 polymer 'Probable periplasmic dipeptide-binding lipoprotein DppA'
2 polymer 'Peptide SER-VAL-ALA'
3 water water
#
loop_
_entity_poly.entity_id
_entity_poly.type
_entity_poly.pdbx_seq_one_letter_code
_entity_poly.pdbx_strand_id
1 'polypeptide(L)'
;MAGLNDIFEAQKIEWHELEVLFQGPMSPDVVLVNGGEPPNPLIPTGTNDSNGGRIIDRLFAGLMSYDAVGKPSLEVAQSI
ESADNVNYRITVKPGWKFTDGSPVTAHSFVDAWNYGALSTNAQLQQHFFSPIEGFDDVAGAPGDKSRTTMSGLRVVNDLE
FTVRLKAPTIDFTLRLGHSSFYPLPDSAFRDMAAFGRNPIGNGPYKLADGPAGPAWEHNVRIDLVPNPDYHGNRKPRNKG
LRFEFYANLDTAYADLLSGNLDVLDTIPPSALTVYQRDLGDHATSGPAAINQTLDTPLRLPHFGGEEGRLRRLALSAAIN
RPQICQQIFAGTRSPARDFTARSLPGFDPNLPGNEVLDYDPQRARRLWAQADAISPWSGRYAIAYNADAGHRDWVDAVAN
SIKNVLGIDAVAAPQPTFAGFRTQITNRAIDSAFRAGWRGDYPSMIEFLAPLFTAGAGSNDVGYINPEFDAALAAAEAAP
TLTESHELVNDAQRILFHDMPVVPLWDYISVVGWSSQVSNVTVTWNGLPDYENIVKAENLYFQGGHHHHHHHH
;
A
2 'polypeptide(L)' SVA B
#
# COMPACT_ATOMS: atom_id res chain seq x y z
N VAL A 30 -12.17 11.53 22.32
CA VAL A 30 -11.35 10.63 21.41
C VAL A 30 -12.03 10.60 20.03
N VAL A 31 -11.27 10.69 18.92
CA VAL A 31 -11.89 10.66 17.55
C VAL A 31 -12.09 9.19 17.15
N LEU A 32 -13.32 8.78 16.85
CA LEU A 32 -13.67 7.40 16.41
C LEU A 32 -13.54 7.31 14.89
N VAL A 33 -12.68 6.42 14.40
CA VAL A 33 -12.45 6.26 12.94
C VAL A 33 -12.45 4.77 12.56
N ASN A 34 -12.69 4.48 11.29
CA ASN A 34 -12.74 3.06 10.86
C ASN A 34 -11.31 2.57 10.66
N GLY A 35 -11.15 1.29 10.96
CA GLY A 35 -9.96 0.55 10.53
C GLY A 35 -10.25 -0.93 10.44
N GLY A 36 -9.18 -1.72 10.54
CA GLY A 36 -9.35 -3.17 10.53
C GLY A 36 -8.19 -3.80 11.26
N GLU A 37 -8.36 -5.06 11.66
CA GLU A 37 -7.26 -5.80 12.31
C GLU A 37 -6.10 -5.95 11.33
N PRO A 38 -4.91 -5.56 11.81
CA PRO A 38 -3.66 -5.75 11.06
C PRO A 38 -3.39 -7.23 10.86
N PRO A 39 -3.12 -7.72 9.65
CA PRO A 39 -2.76 -9.13 9.50
C PRO A 39 -1.48 -9.50 10.24
N ASN A 40 -0.59 -8.54 10.45
CA ASN A 40 0.74 -8.86 11.07
C ASN A 40 0.97 -8.01 12.31
N PRO A 41 1.90 -8.43 13.21
CA PRO A 41 2.30 -7.60 14.34
C PRO A 41 2.78 -6.21 13.89
N LEU A 42 2.80 -5.27 14.81
CA LEU A 42 2.99 -3.83 14.57
C LEU A 42 4.49 -3.50 14.60
N ILE A 43 5.23 -4.14 13.70
CA ILE A 43 6.66 -3.90 13.44
C ILE A 43 6.67 -3.14 12.12
N PRO A 44 7.30 -1.95 12.02
CA PRO A 44 7.26 -1.19 10.76
C PRO A 44 7.77 -1.94 9.52
N THR A 45 8.90 -2.65 9.61
CA THR A 45 9.45 -3.36 8.43
C THR A 45 8.64 -4.62 8.15
N GLY A 46 7.77 -5.04 9.07
CA GLY A 46 6.95 -6.24 8.86
C GLY A 46 5.56 -5.90 8.36
N THR A 47 5.25 -4.63 8.12
CA THR A 47 3.87 -4.16 7.80
C THR A 47 3.82 -3.78 6.31
N ASN A 48 3.00 -4.45 5.48
CA ASN A 48 2.85 -4.06 4.05
C ASN A 48 1.42 -3.73 3.69
N ASP A 49 0.53 -3.55 4.66
CA ASP A 49 -0.91 -3.32 4.41
C ASP A 49 -1.40 -2.06 5.10
N SER A 50 -2.55 -1.57 4.66
CA SER A 50 -3.08 -0.29 5.14
C SER A 50 -3.77 -0.42 6.52
N ASN A 51 -4.22 -1.60 6.94
CA ASN A 51 -4.78 -1.75 8.32
C ASN A 51 -3.65 -1.58 9.35
N GLY A 52 -2.50 -2.26 9.22
CA GLY A 52 -1.38 -2.04 10.13
C GLY A 52 -0.78 -0.67 9.90
N GLY A 53 -0.69 -0.25 8.64
CA GLY A 53 0.03 0.99 8.28
C GLY A 53 -0.62 2.22 8.89
N ARG A 54 -1.94 2.27 8.94
CA ARG A 54 -2.59 3.49 9.49
C ARG A 54 -2.32 3.58 10.99
N ILE A 55 -2.03 2.47 11.62
CA ILE A 55 -1.66 2.47 13.06
C ILE A 55 -0.20 2.84 13.28
N ILE A 56 0.70 2.19 12.55
CA ILE A 56 2.16 2.36 12.68
C ILE A 56 2.48 3.85 12.37
N ASP A 57 1.81 4.43 11.40
CA ASP A 57 2.12 5.83 11.02
C ASP A 57 1.69 6.86 12.08
N ARG A 58 0.85 6.44 13.05
CA ARG A 58 0.52 7.32 14.18
C ARG A 58 1.58 7.22 15.26
N LEU A 59 2.35 6.14 15.30
CA LEU A 59 3.20 5.78 16.48
C LEU A 59 4.65 6.18 16.34
N PHE A 60 5.09 6.43 15.10
CA PHE A 60 6.51 6.71 14.83
C PHE A 60 6.65 8.02 14.06
N ALA A 61 7.85 8.52 14.13
CA ALA A 61 8.32 9.65 13.33
C ALA A 61 9.65 9.31 12.69
N GLY A 62 9.76 9.46 11.37
CA GLY A 62 11.01 9.15 10.70
C GLY A 62 11.81 10.38 10.30
N LEU A 63 12.81 10.19 9.46
CA LEU A 63 13.70 11.30 9.06
C LEU A 63 12.87 12.43 8.43
N MET A 64 11.91 12.07 7.57
CA MET A 64 10.97 13.03 6.97
C MET A 64 9.56 12.67 7.41
N SER A 65 8.69 13.65 7.36
CA SER A 65 7.22 13.45 7.50
C SER A 65 6.54 13.96 6.22
N TYR A 66 5.35 13.45 5.96
CA TYR A 66 4.58 13.86 4.79
C TYR A 66 3.40 14.71 5.24
N ASP A 67 3.09 15.76 4.49
CA ASP A 67 1.85 16.54 4.70
C ASP A 67 0.73 15.93 3.87
N ALA A 68 -0.45 16.54 3.85
CA ALA A 68 -1.66 15.91 3.29
C ALA A 68 -1.52 15.70 1.78
N VAL A 69 -0.69 16.46 1.07
CA VAL A 69 -0.48 16.26 -0.39
C VAL A 69 0.76 15.39 -0.65
N GLY A 70 1.36 14.81 0.39
CA GLY A 70 2.45 13.83 0.22
C GLY A 70 3.80 14.48 0.07
N LYS A 71 3.92 15.76 0.34
CA LYS A 71 5.22 16.48 0.26
C LYS A 71 6.04 16.20 1.50
N PRO A 72 7.31 15.79 1.38
CA PRO A 72 8.14 15.49 2.55
C PRO A 72 8.73 16.78 3.15
N SER A 73 8.90 16.78 4.47
CA SER A 73 9.63 17.82 5.25
C SER A 73 10.56 17.12 6.22
N LEU A 74 11.68 17.77 6.57
CA LEU A 74 12.57 17.20 7.62
C LEU A 74 11.75 17.09 8.92
N GLU A 75 11.86 15.95 9.58
CA GLU A 75 11.13 15.61 10.84
C GLU A 75 12.23 15.28 11.85
N VAL A 76 12.66 14.03 11.96
CA VAL A 76 13.74 13.70 12.92
C VAL A 76 15.10 14.13 12.33
N ALA A 77 15.26 14.14 11.00
CA ALA A 77 16.55 14.60 10.41
C ALA A 77 16.68 16.13 10.57
N GLN A 78 17.87 16.53 10.98
CA GLN A 78 18.29 17.95 10.95
C GLN A 78 18.66 18.33 9.51
N SER A 79 19.32 17.42 8.83
CA SER A 79 19.79 17.70 7.45
C SER A 79 20.03 16.39 6.72
N ILE A 80 19.82 16.40 5.41
CA ILE A 80 20.25 15.28 4.55
C ILE A 80 21.06 15.86 3.40
N GLU A 81 22.34 15.53 3.31
CA GLU A 81 23.26 16.19 2.32
C GLU A 81 23.75 15.16 1.30
N SER A 82 23.60 15.43 0.00
CA SER A 82 24.31 14.66 -1.06
C SER A 82 24.76 15.59 -2.18
N ALA A 83 26.01 15.45 -2.62
CA ALA A 83 26.53 16.15 -3.81
C ALA A 83 26.37 15.27 -5.05
N ASP A 84 26.38 13.95 -4.90
CA ASP A 84 26.49 13.00 -6.04
C ASP A 84 25.18 12.22 -6.20
N ASN A 85 24.23 12.43 -5.32
CA ASN A 85 22.96 11.65 -5.23
C ASN A 85 23.24 10.15 -5.10
N VAL A 86 24.39 9.78 -4.58
CA VAL A 86 24.79 8.38 -4.24
C VAL A 86 25.13 8.28 -2.74
N ASN A 87 25.85 9.26 -2.21
CA ASN A 87 26.33 9.30 -0.81
C ASN A 87 25.52 10.33 -0.05
N TYR A 88 24.83 9.89 1.00
CA TYR A 88 23.96 10.79 1.76
C TYR A 88 24.55 10.88 3.16
N ARG A 89 24.63 12.06 3.69
CA ARG A 89 25.04 12.27 5.09
C ARG A 89 23.81 12.78 5.83
N ILE A 90 23.38 12.02 6.84
CA ILE A 90 22.13 12.28 7.55
C ILE A 90 22.47 12.68 8.97
N THR A 91 22.02 13.85 9.36
CA THR A 91 22.28 14.36 10.72
C THR A 91 20.92 14.30 11.42
N VAL A 92 20.91 13.78 12.64
CA VAL A 92 19.68 13.55 13.45
C VAL A 92 19.52 14.73 14.40
N LYS A 93 18.30 15.23 14.55
CA LYS A 93 18.02 16.34 15.50
C LYS A 93 18.31 15.81 16.91
N PRO A 94 18.87 16.65 17.82
CA PRO A 94 19.06 16.18 19.18
C PRO A 94 17.77 16.18 20.01
N GLY A 95 17.81 15.37 21.06
CA GLY A 95 16.79 15.37 22.11
C GLY A 95 15.54 14.57 21.78
N TRP A 96 15.50 13.83 20.66
CA TRP A 96 14.32 12.96 20.42
C TRP A 96 14.40 11.70 21.27
N LYS A 97 13.25 11.23 21.75
CA LYS A 97 13.21 9.97 22.52
C LYS A 97 11.98 9.14 22.13
N PHE A 98 12.06 7.86 22.40
CA PHE A 98 10.91 6.93 22.37
C PHE A 98 10.16 7.04 23.67
N THR A 99 8.96 6.49 23.69
CA THR A 99 8.04 6.66 24.86
C THR A 99 8.53 5.84 26.08
N ASP A 100 9.51 4.94 25.92
CA ASP A 100 10.15 4.18 27.04
C ASP A 100 11.29 5.00 27.64
N GLY A 101 11.49 6.22 27.12
CA GLY A 101 12.50 7.19 27.57
C GLY A 101 13.86 7.02 26.91
N SER A 102 14.09 6.00 26.07
CA SER A 102 15.41 5.82 25.41
C SER A 102 15.56 6.83 24.27
N PRO A 103 16.79 7.25 23.90
CA PRO A 103 17.00 8.29 22.90
C PRO A 103 16.81 7.76 21.46
N VAL A 104 16.30 8.64 20.60
CA VAL A 104 16.32 8.38 19.12
C VAL A 104 17.66 8.85 18.55
N THR A 105 18.48 7.93 18.10
CA THR A 105 19.85 8.21 17.61
C THR A 105 20.04 7.71 16.19
N ALA A 106 21.20 7.98 15.63
CA ALA A 106 21.60 7.34 14.35
C ALA A 106 21.49 5.83 14.45
N HIS A 107 21.90 5.21 15.56
CA HIS A 107 21.82 3.75 15.74
C HIS A 107 20.35 3.25 15.62
N SER A 108 19.40 4.02 16.14
CA SER A 108 17.96 3.71 16.10
C SER A 108 17.53 3.49 14.62
N PHE A 109 18.06 4.29 13.70
CA PHE A 109 17.73 4.14 12.24
C PHE A 109 18.51 2.98 11.66
N VAL A 110 19.82 3.01 11.82
CA VAL A 110 20.72 2.04 11.13
C VAL A 110 20.33 0.63 11.58
N ASP A 111 20.15 0.41 12.89
CA ASP A 111 19.75 -0.93 13.40
C ASP A 111 18.39 -1.37 12.85
N ALA A 112 17.40 -0.48 12.76
CA ALA A 112 16.06 -0.79 12.19
C ALA A 112 16.19 -1.16 10.72
N TRP A 113 16.98 -0.38 10.00
CA TRP A 113 17.07 -0.60 8.54
C TRP A 113 17.79 -1.92 8.26
N ASN A 114 18.89 -2.19 8.94
CA ASN A 114 19.60 -3.47 8.81
C ASN A 114 18.64 -4.60 9.17
N TYR A 115 17.87 -4.46 10.23
CA TYR A 115 16.89 -5.50 10.65
C TYR A 115 15.94 -5.83 9.48
N GLY A 116 15.44 -4.77 8.84
CA GLY A 116 14.53 -4.87 7.67
C GLY A 116 15.16 -5.53 6.47
N ALA A 117 16.44 -5.26 6.18
CA ALA A 117 17.09 -5.77 4.96
C ALA A 117 17.51 -7.22 5.10
N LEU A 118 17.80 -7.68 6.31
CA LEU A 118 18.47 -9.01 6.49
C LEU A 118 17.45 -10.11 6.15
N SER A 119 17.78 -10.98 5.19
CA SER A 119 16.83 -12.06 4.79
C SER A 119 16.39 -12.94 5.95
N THR A 120 17.27 -13.21 6.89
CA THR A 120 17.01 -14.03 8.07
C THR A 120 15.79 -13.50 8.81
N ASN A 121 15.54 -12.18 8.80
CA ASN A 121 14.38 -11.68 9.57
C ASN A 121 13.07 -11.69 8.76
N ALA A 122 13.11 -12.04 7.47
CA ALA A 122 11.91 -12.25 6.61
C ALA A 122 10.93 -11.09 6.74
N GLN A 123 11.40 -9.85 6.66
CA GLN A 123 10.52 -8.66 6.81
C GLN A 123 9.86 -8.38 5.48
N LEU A 124 8.55 -8.20 5.47
CA LEU A 124 7.77 -7.93 4.23
C LEU A 124 8.27 -6.67 3.47
N GLN A 125 8.83 -5.70 4.18
N GLN A 125 8.81 -5.67 4.18
CA GLN A 125 9.27 -4.40 3.58
CA GLN A 125 9.23 -4.40 3.55
C GLN A 125 10.74 -4.44 3.18
C GLN A 125 10.73 -4.44 3.16
N GLN A 126 11.34 -5.61 3.18
CA GLN A 126 12.77 -5.78 2.83
C GLN A 126 13.12 -5.04 1.56
N HIS A 127 12.31 -5.11 0.48
CA HIS A 127 12.74 -4.55 -0.83
C HIS A 127 12.98 -3.04 -0.79
N PHE A 128 12.41 -2.29 0.15
CA PHE A 128 12.62 -0.84 0.29
C PHE A 128 14.11 -0.57 0.58
N PHE A 129 14.88 -1.55 1.07
CA PHE A 129 16.32 -1.32 1.34
C PHE A 129 17.20 -1.69 0.17
N SER A 130 16.60 -2.17 -0.92
CA SER A 130 17.38 -2.73 -2.04
C SER A 130 18.31 -1.72 -2.69
N PRO A 131 18.08 -0.41 -2.66
CA PRO A 131 19.02 0.50 -3.33
C PRO A 131 20.33 0.73 -2.55
N ILE A 132 20.39 0.30 -1.30
CA ILE A 132 21.57 0.62 -0.44
C ILE A 132 22.70 -0.35 -0.75
N GLU A 133 23.91 0.14 -0.98
CA GLU A 133 25.10 -0.71 -1.16
C GLU A 133 25.25 -1.66 0.04
N GLY A 134 25.46 -2.96 -0.25
CA GLY A 134 25.59 -4.04 0.74
C GLY A 134 24.27 -4.78 0.95
N PHE A 135 23.19 -4.31 0.33
CA PHE A 135 21.90 -5.03 0.37
C PHE A 135 22.07 -6.47 -0.17
N ASP A 136 22.86 -6.65 -1.23
CA ASP A 136 23.05 -7.98 -1.87
C ASP A 136 23.68 -8.97 -0.88
N ASP A 137 24.52 -8.51 0.04
CA ASP A 137 25.24 -9.34 1.05
C ASP A 137 24.25 -9.90 2.10
N VAL A 138 23.14 -9.18 2.36
CA VAL A 138 22.24 -9.53 3.50
C VAL A 138 20.93 -10.10 2.97
N ALA A 139 20.58 -9.89 1.72
CA ALA A 139 19.25 -10.29 1.21
C ALA A 139 19.41 -11.50 0.28
N SER A 146 26.90 -14.47 5.19
CA SER A 146 27.40 -14.39 6.59
C SER A 146 27.18 -13.01 7.20
N ARG A 147 27.16 -11.94 6.40
CA ARG A 147 26.97 -10.55 6.90
C ARG A 147 25.54 -10.35 7.41
N THR A 148 25.41 -9.55 8.46
CA THR A 148 24.11 -9.20 9.07
C THR A 148 23.81 -7.72 8.86
N THR A 149 24.78 -6.93 8.36
CA THR A 149 24.59 -5.46 8.12
C THR A 149 25.05 -5.07 6.72
N MET A 150 24.46 -4.00 6.21
CA MET A 150 24.74 -3.42 4.89
C MET A 150 25.94 -2.50 4.99
N SER A 151 26.97 -2.78 4.20
CA SER A 151 28.23 -1.97 4.19
C SER A 151 27.93 -0.52 3.88
N GLY A 152 26.90 -0.25 3.07
CA GLY A 152 26.55 1.12 2.71
C GLY A 152 25.96 1.94 3.85
N LEU A 153 25.58 1.37 5.00
CA LEU A 153 25.03 2.16 6.12
C LEU A 153 26.11 2.29 7.18
N ARG A 154 26.55 3.51 7.50
CA ARG A 154 27.65 3.68 8.47
C ARG A 154 27.25 4.72 9.51
N VAL A 155 27.25 4.33 10.78
CA VAL A 155 27.08 5.30 11.90
C VAL A 155 28.40 6.07 12.04
N VAL A 156 28.31 7.39 12.09
CA VAL A 156 29.50 8.26 12.28
C VAL A 156 29.61 8.60 13.77
N ASN A 157 28.50 9.03 14.35
CA ASN A 157 28.35 9.26 15.81
C ASN A 157 26.89 9.13 16.21
N ASP A 158 26.55 9.47 17.44
CA ASP A 158 25.19 9.26 17.95
C ASP A 158 24.20 9.94 16.99
N LEU A 159 24.55 11.07 16.38
CA LEU A 159 23.54 11.89 15.64
C LEU A 159 23.92 12.05 14.18
N GLU A 160 24.75 11.19 13.63
CA GLU A 160 25.08 11.26 12.18
C GLU A 160 25.31 9.85 11.67
N PHE A 161 24.81 9.58 10.47
CA PHE A 161 25.14 8.35 9.73
C PHE A 161 25.13 8.67 8.24
N THR A 162 25.79 7.81 7.48
CA THR A 162 25.93 7.96 6.03
C THR A 162 25.22 6.78 5.36
N VAL A 163 24.70 7.06 4.18
CA VAL A 163 24.06 6.05 3.32
C VAL A 163 24.68 6.11 1.95
N ARG A 164 25.21 4.99 1.49
CA ARG A 164 25.76 4.93 0.12
C ARG A 164 24.83 4.02 -0.67
N LEU A 165 24.30 4.53 -1.77
CA LEU A 165 23.45 3.76 -2.70
C LEU A 165 24.31 3.06 -3.75
N LYS A 166 23.79 1.97 -4.29
CA LYS A 166 24.44 1.28 -5.43
C LYS A 166 24.44 2.19 -6.66
N ALA A 167 23.47 3.09 -6.82
CA ALA A 167 23.25 3.94 -8.00
C ALA A 167 22.45 5.19 -7.64
N PRO A 168 22.40 6.23 -8.48
CA PRO A 168 21.41 7.30 -8.29
C PRO A 168 20.00 6.67 -8.22
N THR A 169 19.24 7.06 -7.18
CA THR A 169 17.87 6.56 -6.90
C THR A 169 16.95 7.78 -6.72
N ILE A 170 16.09 8.01 -7.70
CA ILE A 170 15.29 9.27 -7.88
C ILE A 170 14.29 9.46 -6.72
N ASP A 171 13.85 8.40 -6.03
CA ASP A 171 12.82 8.67 -4.99
C ASP A 171 13.37 8.23 -3.64
N PHE A 172 14.69 8.25 -3.50
CA PHE A 172 15.33 7.92 -2.20
C PHE A 172 14.90 8.97 -1.14
N THR A 173 15.16 10.26 -1.31
CA THR A 173 14.83 11.34 -0.35
C THR A 173 13.32 11.29 0.00
N LEU A 174 12.53 11.22 -1.05
CA LEU A 174 11.06 11.23 -0.95
C LEU A 174 10.59 10.03 -0.12
N ARG A 175 11.26 8.91 -0.19
CA ARG A 175 10.79 7.68 0.48
C ARG A 175 11.01 7.71 1.99
N LEU A 176 11.72 8.70 2.53
CA LEU A 176 12.29 8.56 3.90
C LEU A 176 11.24 8.96 4.92
N GLY A 177 10.03 9.31 4.51
CA GLY A 177 8.89 9.36 5.42
C GLY A 177 8.18 8.03 5.57
N HIS A 178 8.48 7.04 4.74
CA HIS A 178 7.75 5.73 4.74
C HIS A 178 8.12 4.91 5.96
N SER A 179 7.12 4.16 6.42
CA SER A 179 7.27 3.37 7.65
C SER A 179 8.41 2.36 7.64
N SER A 180 8.85 1.85 6.49
CA SER A 180 10.01 0.93 6.45
C SER A 180 11.21 1.57 7.13
N PHE A 181 11.33 2.93 7.09
CA PHE A 181 12.55 3.67 7.54
C PHE A 181 12.37 4.18 8.97
N TYR A 182 11.28 3.81 9.66
CA TYR A 182 11.10 4.33 11.03
C TYR A 182 12.23 3.83 11.93
N PRO A 183 12.54 4.59 12.99
CA PRO A 183 13.58 4.16 13.93
C PRO A 183 12.98 3.26 15.01
N LEU A 184 13.75 2.38 15.62
CA LEU A 184 13.21 1.52 16.72
C LEU A 184 14.06 1.72 17.98
N PRO A 185 13.43 1.49 19.14
CA PRO A 185 14.17 1.54 20.40
C PRO A 185 15.03 0.28 20.56
N ASP A 186 16.10 0.44 21.35
CA ASP A 186 17.05 -0.63 21.74
C ASP A 186 16.28 -1.88 22.21
N SER A 187 15.21 -1.68 22.97
CA SER A 187 14.45 -2.83 23.54
C SER A 187 13.78 -3.66 22.44
N ALA A 188 13.49 -3.10 21.26
CA ALA A 188 12.83 -3.90 20.20
C ALA A 188 13.70 -5.10 19.83
N PHE A 189 15.02 -4.91 19.64
CA PHE A 189 15.95 -5.92 19.07
C PHE A 189 16.20 -7.07 20.08
N ARG A 190 15.99 -6.81 21.38
CA ARG A 190 16.08 -7.86 22.45
C ARG A 190 14.93 -8.88 22.31
N ASP A 191 13.73 -8.45 21.89
CA ASP A 191 12.57 -9.35 21.63
C ASP A 191 11.62 -8.70 20.60
N MET A 192 11.83 -8.94 19.31
CA MET A 192 10.98 -8.27 18.29
C MET A 192 9.52 -8.75 18.38
N ALA A 193 9.28 -10.02 18.76
CA ALA A 193 7.89 -10.57 18.87
C ALA A 193 7.13 -9.80 19.95
N ALA A 194 7.73 -9.60 21.12
CA ALA A 194 7.10 -8.81 22.21
C ALA A 194 6.84 -7.38 21.69
N PHE A 195 7.77 -6.82 20.93
CA PHE A 195 7.67 -5.45 20.40
C PHE A 195 6.45 -5.34 19.47
N GLY A 196 6.23 -6.32 18.62
CA GLY A 196 5.14 -6.26 17.64
C GLY A 196 3.78 -6.35 18.29
N ARG A 197 3.73 -6.93 19.50
CA ARG A 197 2.45 -6.99 20.26
C ARG A 197 2.20 -5.67 21.00
N ASN A 198 3.24 -4.89 21.26
CA ASN A 198 3.21 -3.70 22.14
C ASN A 198 4.26 -2.69 21.71
N PRO A 199 4.11 -2.11 20.50
CA PRO A 199 5.20 -1.30 19.96
C PRO A 199 5.41 -0.05 20.80
N ILE A 200 6.69 0.35 20.85
CA ILE A 200 7.15 1.60 21.47
C ILE A 200 7.75 2.48 20.37
N GLY A 201 7.18 3.66 20.19
CA GLY A 201 7.63 4.57 19.12
C GLY A 201 7.97 5.93 19.65
N ASN A 202 8.14 6.87 18.72
CA ASN A 202 8.59 8.26 18.96
C ASN A 202 7.66 9.25 18.29
N GLY A 203 6.48 8.82 17.87
CA GLY A 203 5.62 9.58 16.96
C GLY A 203 4.56 10.38 17.70
N PRO A 204 3.58 10.91 16.98
CA PRO A 204 2.61 11.84 17.56
C PRO A 204 1.67 11.21 18.58
N TYR A 205 1.39 9.94 18.42
CA TYR A 205 0.52 9.14 19.31
C TYR A 205 1.33 7.99 19.92
N LYS A 206 0.77 7.38 20.96
CA LYS A 206 1.24 6.11 21.55
C LYS A 206 0.00 5.27 21.88
N LEU A 207 0.19 3.97 22.00
CA LEU A 207 -0.88 3.03 22.41
C LEU A 207 -1.31 3.44 23.82
N ALA A 208 -2.62 3.49 24.01
CA ALA A 208 -3.23 3.77 25.34
C ALA A 208 -2.79 2.63 26.28
N ASP A 209 -2.20 2.94 27.43
CA ASP A 209 -1.55 1.94 28.32
C ASP A 209 -0.99 2.66 29.56
N ALA A 215 -4.41 -1.82 24.91
CA ALA A 215 -4.81 -0.83 23.89
C ALA A 215 -5.41 -1.53 22.67
N TRP A 216 -4.93 -2.72 22.34
CA TRP A 216 -5.26 -3.45 21.10
C TRP A 216 -6.14 -4.66 21.44
N GLU A 217 -7.46 -4.49 21.24
CA GLU A 217 -8.46 -5.58 21.36
C GLU A 217 -8.56 -6.23 19.98
N HIS A 218 -7.88 -7.35 19.79
CA HIS A 218 -7.77 -8.09 18.52
C HIS A 218 -9.14 -8.27 17.88
N ASN A 219 -9.26 -7.84 16.61
CA ASN A 219 -10.50 -8.01 15.81
C ASN A 219 -11.60 -7.10 16.36
N VAL A 220 -11.27 -6.18 17.25
CA VAL A 220 -12.31 -5.25 17.76
C VAL A 220 -11.89 -3.79 17.54
N ARG A 221 -10.77 -3.34 18.10
CA ARG A 221 -10.39 -1.92 18.00
C ARG A 221 -8.99 -1.71 18.54
N ILE A 222 -8.40 -0.56 18.19
CA ILE A 222 -7.18 -0.13 18.90
C ILE A 222 -7.29 1.33 19.33
N ASP A 223 -6.79 1.63 20.52
CA ASP A 223 -6.93 2.96 21.19
C ASP A 223 -5.56 3.63 21.28
N LEU A 224 -5.47 4.88 20.84
N LEU A 224 -5.49 4.89 20.87
CA LEU A 224 -4.21 5.68 20.79
CA LEU A 224 -4.25 5.71 20.79
C LEU A 224 -4.45 6.97 21.57
C LEU A 224 -4.47 6.98 21.60
N VAL A 225 -3.44 7.43 22.34
CA VAL A 225 -3.49 8.78 22.97
C VAL A 225 -2.31 9.60 22.51
N PRO A 226 -2.35 10.94 22.62
CA PRO A 226 -1.21 11.77 22.25
C PRO A 226 0.05 11.40 23.04
N ASN A 227 1.18 11.46 22.34
CA ASN A 227 2.52 11.28 22.94
C ASN A 227 3.03 12.63 23.44
N PRO A 228 3.04 12.90 24.77
CA PRO A 228 3.47 14.21 25.26
C PRO A 228 4.94 14.60 24.99
N ASP A 229 5.80 13.65 24.60
CA ASP A 229 7.24 13.89 24.29
C ASP A 229 7.34 14.46 22.87
N TYR A 230 6.33 14.26 22.04
CA TYR A 230 6.44 14.57 20.58
C TYR A 230 6.27 16.09 20.33
N HIS A 231 7.21 16.69 19.61
CA HIS A 231 7.19 18.12 19.19
C HIS A 231 7.60 18.24 17.73
N GLY A 232 7.09 17.35 16.88
CA GLY A 232 7.45 17.39 15.46
C GLY A 232 6.39 18.04 14.60
N ASN A 233 6.39 17.68 13.33
CA ASN A 233 5.58 18.38 12.32
C ASN A 233 4.10 18.00 12.36
N ARG A 234 3.73 16.94 13.09
CA ARG A 234 2.39 16.33 13.01
C ARG A 234 1.79 16.33 14.40
N LYS A 235 1.92 17.48 15.11
CA LYS A 235 1.37 17.58 16.49
C LYS A 235 -0.15 17.36 16.47
N PRO A 236 -0.68 16.41 17.26
CA PRO A 236 -2.11 16.12 17.28
C PRO A 236 -2.95 17.32 17.73
N ARG A 237 -4.10 17.49 17.09
CA ARG A 237 -5.09 18.56 17.43
C ARG A 237 -6.26 17.93 18.18
N ASN A 238 -6.15 16.67 18.58
CA ASN A 238 -7.21 15.94 19.30
C ASN A 238 -6.60 15.17 20.49
N LYS A 239 -7.47 14.58 21.30
CA LYS A 239 -7.07 13.94 22.58
C LYS A 239 -6.95 12.43 22.40
N GLY A 240 -7.05 11.94 21.17
CA GLY A 240 -6.76 10.52 20.92
C GLY A 240 -7.53 9.98 19.75
N LEU A 241 -7.20 8.76 19.35
CA LEU A 241 -7.88 8.08 18.25
C LEU A 241 -8.33 6.68 18.69
N ARG A 242 -9.49 6.31 18.23
CA ARG A 242 -9.98 4.93 18.34
C ARG A 242 -10.25 4.40 16.93
N PHE A 243 -9.49 3.41 16.52
CA PHE A 243 -9.73 2.73 15.24
C PHE A 243 -10.69 1.56 15.51
N GLU A 244 -11.92 1.63 15.00
CA GLU A 244 -12.94 0.58 15.21
C GLU A 244 -12.85 -0.39 14.03
N PHE A 245 -12.80 -1.69 14.27
CA PHE A 245 -12.56 -2.74 13.25
C PHE A 245 -13.87 -3.39 12.83
N TYR A 246 -14.56 -2.78 11.87
CA TYR A 246 -15.91 -3.17 11.44
C TYR A 246 -15.86 -4.46 10.63
N ALA A 247 -16.79 -5.38 10.89
CA ALA A 247 -16.95 -6.61 10.10
C ALA A 247 -17.62 -6.28 8.78
N ASN A 248 -18.34 -5.15 8.75
CA ASN A 248 -19.30 -4.80 7.67
C ASN A 248 -19.26 -3.27 7.46
N LEU A 249 -18.86 -2.81 6.27
CA LEU A 249 -18.83 -1.35 6.02
C LEU A 249 -20.25 -0.75 6.07
N ASP A 250 -21.30 -1.54 5.78
CA ASP A 250 -22.72 -1.10 5.91
C ASP A 250 -22.99 -0.69 7.36
N THR A 251 -22.46 -1.43 8.33
CA THR A 251 -22.60 -1.06 9.77
C THR A 251 -21.86 0.26 10.07
N ALA A 252 -20.68 0.43 9.50
CA ALA A 252 -19.86 1.64 9.72
C ALA A 252 -20.66 2.87 9.26
N TYR A 253 -21.32 2.78 8.10
CA TYR A 253 -22.13 3.88 7.54
C TYR A 253 -23.32 4.22 8.44
N ALA A 254 -23.99 3.21 8.99
CA ALA A 254 -25.09 3.41 9.96
C ALA A 254 -24.56 4.15 11.19
N ASP A 255 -23.38 3.75 11.68
CA ASP A 255 -22.71 4.37 12.85
C ASP A 255 -22.36 5.84 12.54
N LEU A 256 -21.90 6.13 11.34
CA LEU A 256 -21.61 7.53 10.89
C LEU A 256 -22.91 8.37 10.98
N LEU A 257 -24.01 7.83 10.46
CA LEU A 257 -25.34 8.53 10.41
C LEU A 257 -25.86 8.81 11.83
N SER A 258 -25.61 7.92 12.79
CA SER A 258 -26.16 8.01 14.17
C SER A 258 -25.22 8.81 15.08
N GLY A 259 -24.00 9.13 14.62
CA GLY A 259 -22.97 9.86 15.40
C GLY A 259 -22.14 8.95 16.30
N ASN A 260 -22.18 7.63 16.06
CA ASN A 260 -21.37 6.62 16.80
C ASN A 260 -20.00 6.36 16.12
N LEU A 261 -19.71 7.07 15.02
CA LEU A 261 -18.42 7.03 14.27
C LEU A 261 -18.18 8.45 13.77
N ASP A 262 -16.97 8.98 13.99
CA ASP A 262 -16.57 10.37 13.65
C ASP A 262 -16.12 10.45 12.19
N VAL A 263 -15.32 9.48 11.72
CA VAL A 263 -14.80 9.54 10.33
C VAL A 263 -14.95 8.18 9.69
N LEU A 264 -15.46 8.13 8.48
CA LEU A 264 -15.57 6.89 7.69
C LEU A 264 -14.85 7.13 6.38
N ASP A 265 -13.73 6.43 6.16
CA ASP A 265 -12.88 6.74 4.97
C ASP A 265 -13.31 5.93 3.77
N THR A 266 -14.30 5.05 3.90
CA THR A 266 -14.80 4.21 2.78
C THR A 266 -16.31 4.15 2.90
N ILE A 267 -17.01 4.94 2.10
CA ILE A 267 -18.47 4.83 1.94
C ILE A 267 -18.72 3.55 1.16
N PRO A 268 -19.51 2.58 1.71
CA PRO A 268 -19.75 1.32 1.01
C PRO A 268 -20.62 1.52 -0.23
N PRO A 269 -20.41 0.71 -1.31
CA PRO A 269 -21.24 0.83 -2.52
C PRO A 269 -22.76 0.91 -2.29
N SER A 270 -23.26 0.29 -1.21
CA SER A 270 -24.69 0.36 -0.79
C SER A 270 -25.11 1.81 -0.53
N ALA A 271 -24.19 2.70 -0.14
CA ALA A 271 -24.52 4.11 0.20
C ALA A 271 -24.03 5.09 -0.89
N LEU A 272 -23.40 4.65 -1.99
CA LEU A 272 -22.81 5.63 -2.94
C LEU A 272 -23.89 6.47 -3.65
N THR A 273 -25.15 6.04 -3.71
CA THR A 273 -26.27 6.82 -4.36
C THR A 273 -27.01 7.69 -3.34
N VAL A 274 -26.70 7.61 -2.04
CA VAL A 274 -27.46 8.29 -0.94
C VAL A 274 -26.54 9.18 -0.07
N TYR A 275 -25.21 9.02 -0.08
CA TYR A 275 -24.30 9.69 0.90
C TYR A 275 -24.39 11.22 0.77
N GLN A 276 -24.43 11.72 -0.46
CA GLN A 276 -24.51 13.20 -0.69
C GLN A 276 -25.78 13.78 -0.04
N ARG A 277 -26.95 13.12 -0.20
CA ARG A 277 -28.20 13.51 0.50
C ARG A 277 -28.01 13.37 2.03
N ASP A 278 -27.42 12.27 2.46
CA ASP A 278 -27.30 11.91 3.90
C ASP A 278 -26.34 12.85 4.64
N LEU A 279 -25.19 13.17 4.05
CA LEU A 279 -24.10 13.91 4.76
C LEU A 279 -23.92 15.35 4.28
N GLY A 280 -24.28 15.68 3.05
CA GLY A 280 -24.14 17.06 2.54
C GLY A 280 -22.70 17.54 2.55
N ASP A 281 -22.46 18.68 3.21
CA ASP A 281 -21.11 19.27 3.29
C ASP A 281 -20.21 18.46 4.25
N HIS A 282 -20.68 17.35 4.85
CA HIS A 282 -19.86 16.48 5.74
C HIS A 282 -19.35 15.24 5.00
N ALA A 283 -19.22 15.32 3.67
CA ALA A 283 -18.58 14.25 2.86
C ALA A 283 -17.80 14.94 1.75
N THR A 284 -16.61 14.43 1.42
CA THR A 284 -15.74 15.03 0.37
C THR A 284 -15.25 13.88 -0.49
N SER A 285 -15.10 14.14 -1.77
CA SER A 285 -14.70 13.11 -2.74
C SER A 285 -13.56 13.67 -3.55
N GLY A 286 -12.70 12.79 -4.03
CA GLY A 286 -11.59 13.27 -4.86
C GLY A 286 -10.71 12.11 -5.29
N PRO A 287 -10.03 12.23 -6.44
CA PRO A 287 -9.09 11.19 -6.84
C PRO A 287 -8.07 10.95 -5.71
N ALA A 288 -7.76 9.67 -5.50
CA ALA A 288 -6.73 9.24 -4.54
C ALA A 288 -5.79 8.26 -5.20
N ALA A 289 -4.54 8.21 -4.77
CA ALA A 289 -3.53 7.28 -5.35
C ALA A 289 -3.71 5.90 -4.73
N ILE A 290 -4.73 5.22 -5.22
CA ILE A 290 -5.18 3.88 -4.75
C ILE A 290 -5.71 3.17 -5.99
N ASN A 291 -5.34 1.92 -6.17
CA ASN A 291 -5.87 1.16 -7.32
C ASN A 291 -6.44 -0.18 -6.84
N GLN A 292 -6.96 -0.96 -7.79
CA GLN A 292 -7.55 -2.29 -7.53
C GLN A 292 -7.08 -3.18 -8.69
N THR A 293 -6.79 -4.45 -8.39
CA THR A 293 -6.36 -5.42 -9.40
C THR A 293 -7.00 -6.76 -9.17
N LEU A 294 -6.98 -7.55 -10.23
CA LEU A 294 -7.38 -8.95 -10.16
C LEU A 294 -6.10 -9.76 -10.31
N ASP A 295 -5.73 -10.46 -9.25
CA ASP A 295 -4.46 -11.24 -9.16
C ASP A 295 -4.71 -12.72 -9.30
N THR A 296 -3.99 -13.35 -10.18
CA THR A 296 -4.13 -14.78 -10.51
C THR A 296 -2.73 -15.38 -10.40
N PRO A 297 -2.39 -16.06 -9.27
CA PRO A 297 -1.03 -16.58 -9.17
C PRO A 297 -0.57 -17.46 -10.34
N LEU A 298 0.71 -17.28 -10.73
CA LEU A 298 1.23 -18.03 -11.90
C LEU A 298 1.33 -19.53 -11.58
N ARG A 299 1.22 -19.92 -10.32
CA ARG A 299 1.26 -21.33 -9.86
C ARG A 299 -0.08 -22.05 -9.96
N LEU A 300 -1.15 -21.37 -10.34
CA LEU A 300 -2.46 -22.07 -10.46
C LEU A 300 -2.44 -22.88 -11.75
N PRO A 301 -3.26 -23.95 -11.77
CA PRO A 301 -3.48 -24.71 -13.01
C PRO A 301 -3.93 -23.79 -14.14
N HIS A 302 -3.26 -23.88 -15.28
CA HIS A 302 -3.60 -23.20 -16.54
C HIS A 302 -3.17 -21.72 -16.55
N PHE A 303 -2.48 -21.23 -15.52
CA PHE A 303 -2.13 -19.80 -15.35
C PHE A 303 -0.63 -19.54 -15.27
N GLY A 304 0.20 -20.51 -15.66
CA GLY A 304 1.67 -20.32 -15.77
C GLY A 304 2.14 -20.17 -17.21
N GLY A 305 3.34 -19.63 -17.36
CA GLY A 305 4.04 -19.47 -18.64
C GLY A 305 3.21 -18.76 -19.68
N GLU A 306 3.43 -19.11 -20.95
CA GLU A 306 2.76 -18.45 -22.10
C GLU A 306 1.25 -18.64 -21.99
N GLU A 307 0.82 -19.83 -21.60
CA GLU A 307 -0.62 -20.09 -21.42
C GLU A 307 -1.23 -19.11 -20.41
N GLY A 308 -0.55 -18.91 -19.29
CA GLY A 308 -1.03 -17.93 -18.29
C GLY A 308 -1.02 -16.53 -18.80
N ARG A 309 0.00 -16.12 -19.55
CA ARG A 309 0.06 -14.76 -20.09
C ARG A 309 -1.15 -14.54 -21.01
N LEU A 310 -1.41 -15.50 -21.89
CA LEU A 310 -2.58 -15.32 -22.81
C LEU A 310 -3.88 -15.27 -21.99
N ARG A 311 -4.05 -16.11 -20.97
CA ARG A 311 -5.27 -16.13 -20.15
C ARG A 311 -5.40 -14.79 -19.40
N ARG A 312 -4.32 -14.22 -18.87
CA ARG A 312 -4.48 -12.93 -18.12
C ARG A 312 -4.92 -11.86 -19.10
N LEU A 313 -4.28 -11.78 -20.27
CA LEU A 313 -4.68 -10.81 -21.30
C LEU A 313 -6.16 -11.03 -21.64
N ALA A 314 -6.61 -12.28 -21.75
CA ALA A 314 -8.04 -12.60 -22.02
C ALA A 314 -8.91 -12.06 -20.90
N LEU A 315 -8.57 -12.30 -19.61
CA LEU A 315 -9.38 -11.82 -18.49
C LEU A 315 -9.50 -10.30 -18.59
N SER A 316 -8.40 -9.62 -18.90
CA SER A 316 -8.40 -8.13 -18.97
C SER A 316 -9.40 -7.67 -20.04
N ALA A 317 -9.39 -8.32 -21.22
CA ALA A 317 -10.30 -7.96 -22.31
C ALA A 317 -11.74 -8.37 -22.04
N ALA A 318 -11.97 -9.22 -21.05
CA ALA A 318 -13.30 -9.71 -20.68
C ALA A 318 -13.98 -8.89 -19.60
N ILE A 319 -13.37 -7.80 -19.12
CA ILE A 319 -13.90 -6.92 -18.05
C ILE A 319 -14.15 -5.53 -18.63
N ASN A 320 -15.38 -5.06 -18.46
CA ASN A 320 -15.84 -3.73 -18.93
C ASN A 320 -15.69 -2.75 -17.77
N ARG A 321 -14.51 -2.17 -17.68
CA ARG A 321 -14.16 -1.25 -16.55
C ARG A 321 -15.10 -0.04 -16.55
N PRO A 322 -15.31 0.71 -17.67
CA PRO A 322 -16.18 1.87 -17.62
C PRO A 322 -17.57 1.50 -17.09
N GLN A 323 -18.11 0.37 -17.51
CA GLN A 323 -19.48 -0.06 -17.18
C GLN A 323 -19.58 -0.36 -15.68
N ILE A 324 -18.61 -1.09 -15.12
CA ILE A 324 -18.59 -1.38 -13.66
C ILE A 324 -18.38 -0.07 -12.89
N CYS A 325 -17.51 0.80 -13.36
CA CYS A 325 -17.24 2.08 -12.64
C CYS A 325 -18.54 2.91 -12.58
N GLN A 326 -19.31 2.90 -13.66
CA GLN A 326 -20.55 3.73 -13.74
C GLN A 326 -21.61 3.12 -12.81
N GLN A 327 -21.87 1.81 -12.93
CA GLN A 327 -23.10 1.11 -12.41
C GLN A 327 -22.90 0.51 -11.02
N ILE A 328 -21.75 -0.07 -10.72
CA ILE A 328 -21.39 -0.60 -9.36
C ILE A 328 -20.87 0.50 -8.45
N PHE A 329 -19.98 1.37 -8.93
CA PHE A 329 -19.33 2.38 -8.06
C PHE A 329 -19.94 3.77 -8.17
N ALA A 330 -20.98 3.96 -8.98
CA ALA A 330 -21.68 5.26 -9.13
C ALA A 330 -20.65 6.34 -9.44
N GLY A 331 -19.70 6.02 -10.33
CA GLY A 331 -18.72 7.00 -10.80
C GLY A 331 -17.55 7.21 -9.87
N THR A 332 -17.38 6.45 -8.78
CA THR A 332 -16.30 6.70 -7.78
C THR A 332 -15.10 5.78 -8.01
N ARG A 333 -15.00 5.22 -9.22
CA ARG A 333 -13.82 4.46 -9.71
C ARG A 333 -13.59 4.92 -11.14
N SER A 334 -12.34 5.05 -11.55
CA SER A 334 -11.94 5.46 -12.91
C SER A 334 -11.21 4.29 -13.53
N PRO A 335 -11.59 3.89 -14.75
CA PRO A 335 -10.98 2.73 -15.38
C PRO A 335 -9.47 2.86 -15.43
N ALA A 336 -8.75 1.78 -15.16
CA ALA A 336 -7.29 1.77 -15.22
C ALA A 336 -6.85 2.03 -16.66
N ARG A 337 -5.77 2.79 -16.79
CA ARG A 337 -5.06 3.04 -18.07
C ARG A 337 -3.64 2.58 -17.95
N ASP A 338 -3.19 2.15 -16.78
CA ASP A 338 -1.82 1.69 -16.55
C ASP A 338 -1.83 0.90 -15.24
N PHE A 339 -0.66 0.58 -14.73
CA PHE A 339 -0.53 -0.23 -13.51
C PHE A 339 -0.36 0.68 -12.28
N THR A 340 -0.50 2.00 -12.37
CA THR A 340 -0.23 2.89 -11.19
C THR A 340 -1.58 3.53 -10.84
N ALA A 341 -1.64 4.85 -10.87
CA ALA A 341 -2.88 5.60 -10.53
C ALA A 341 -2.80 6.97 -11.23
N ARG A 342 -3.96 7.41 -11.73
CA ARG A 342 -4.06 8.65 -12.56
C ARG A 342 -3.65 9.94 -11.83
N SER A 343 -3.69 9.97 -10.50
CA SER A 343 -3.35 11.19 -9.71
C SER A 343 -1.85 11.29 -9.41
N LEU A 344 -1.00 10.35 -9.86
CA LEU A 344 0.45 10.39 -9.58
C LEU A 344 1.19 11.26 -10.58
N PRO A 345 2.32 11.83 -10.12
CA PRO A 345 3.26 12.52 -11.03
C PRO A 345 3.75 11.66 -12.18
N GLY A 346 3.61 12.15 -13.41
CA GLY A 346 4.10 11.48 -14.61
C GLY A 346 3.10 10.55 -15.23
N PHE A 347 1.93 10.39 -14.62
CA PHE A 347 0.91 9.44 -15.14
C PHE A 347 0.55 9.84 -16.58
N ASP A 348 0.42 8.86 -17.47
CA ASP A 348 0.08 9.09 -18.90
C ASP A 348 -1.06 8.15 -19.24
N PRO A 349 -2.28 8.64 -19.58
CA PRO A 349 -3.39 7.73 -19.89
C PRO A 349 -3.36 7.22 -21.34
N ASN A 350 -2.35 7.58 -22.12
CA ASN A 350 -2.32 7.20 -23.56
C ASN A 350 -1.03 6.46 -23.91
N LEU A 351 -0.54 5.53 -23.07
CA LEU A 351 0.69 4.76 -23.35
C LEU A 351 0.41 3.75 -24.45
N PRO A 352 1.36 3.61 -25.40
CA PRO A 352 1.24 2.61 -26.45
C PRO A 352 1.10 1.25 -25.77
N GLY A 353 0.13 0.46 -26.18
CA GLY A 353 -0.02 -0.91 -25.67
C GLY A 353 -1.07 -0.94 -24.58
N ASN A 354 -1.60 0.21 -24.18
CA ASN A 354 -2.66 0.26 -23.12
C ASN A 354 -4.00 -0.28 -23.62
N GLU A 355 -4.13 -0.64 -24.90
CA GLU A 355 -5.42 -1.18 -25.42
C GLU A 355 -5.69 -2.55 -24.78
N VAL A 356 -4.71 -3.20 -24.15
CA VAL A 356 -4.91 -4.49 -23.43
C VAL A 356 -5.90 -4.27 -22.28
N LEU A 357 -6.14 -3.04 -21.85
CA LEU A 357 -7.10 -2.72 -20.75
C LEU A 357 -8.46 -2.26 -21.30
N ASP A 358 -8.71 -2.43 -22.60
CA ASP A 358 -10.02 -2.07 -23.21
C ASP A 358 -10.89 -3.32 -23.22
N TYR A 359 -12.17 -3.15 -22.98
CA TYR A 359 -13.13 -4.26 -23.11
C TYR A 359 -13.21 -4.69 -24.57
N ASP A 360 -13.03 -5.98 -24.85
CA ASP A 360 -13.03 -6.53 -26.23
C ASP A 360 -13.33 -8.03 -26.16
N PRO A 361 -14.61 -8.41 -26.12
CA PRO A 361 -14.98 -9.82 -25.95
C PRO A 361 -14.44 -10.75 -27.04
N GLN A 362 -14.45 -10.26 -28.28
CA GLN A 362 -13.90 -11.06 -29.42
C GLN A 362 -12.41 -11.34 -29.17
N ARG A 363 -11.66 -10.32 -28.77
CA ARG A 363 -10.23 -10.50 -28.46
C ARG A 363 -10.07 -11.46 -27.25
N ALA A 364 -10.90 -11.29 -26.23
CA ALA A 364 -10.80 -12.14 -25.02
C ALA A 364 -10.91 -13.62 -25.46
N ARG A 365 -11.94 -13.93 -26.28
CA ARG A 365 -12.18 -15.33 -26.69
C ARG A 365 -10.99 -15.81 -27.52
N ARG A 366 -10.45 -14.99 -28.42
CA ARG A 366 -9.34 -15.40 -29.30
C ARG A 366 -8.13 -15.74 -28.43
N LEU A 367 -7.84 -14.89 -27.45
CA LEU A 367 -6.71 -15.16 -26.52
C LEU A 367 -6.92 -16.43 -25.72
N TRP A 368 -8.12 -16.60 -25.18
CA TRP A 368 -8.45 -17.79 -24.37
C TRP A 368 -8.30 -19.05 -25.26
N ALA A 369 -8.72 -18.94 -26.51
CA ALA A 369 -8.58 -20.10 -27.44
C ALA A 369 -7.11 -20.39 -27.66
N GLN A 370 -6.26 -19.37 -27.88
CA GLN A 370 -4.83 -19.63 -28.08
C GLN A 370 -4.29 -20.32 -26.82
N ALA A 371 -4.70 -19.90 -25.64
CA ALA A 371 -4.22 -20.53 -24.40
C ALA A 371 -4.66 -22.00 -24.35
N ASP A 372 -5.92 -22.25 -24.72
CA ASP A 372 -6.49 -23.62 -24.75
C ASP A 372 -5.71 -24.51 -25.73
N ALA A 373 -5.10 -23.96 -26.78
CA ALA A 373 -4.26 -24.77 -27.70
C ALA A 373 -2.98 -25.23 -27.00
N ILE A 374 -2.50 -24.51 -25.98
CA ILE A 374 -1.33 -24.98 -25.18
C ILE A 374 -1.77 -26.06 -24.23
N SER A 375 -2.88 -25.82 -23.54
CA SER A 375 -3.45 -26.78 -22.58
C SER A 375 -4.92 -26.46 -22.38
N PRO A 376 -5.85 -27.41 -22.60
CA PRO A 376 -7.28 -27.13 -22.47
C PRO A 376 -7.70 -26.70 -21.07
N TRP A 377 -8.40 -25.58 -20.98
CA TRP A 377 -8.98 -25.07 -19.72
C TRP A 377 -9.87 -26.14 -19.09
N SER A 378 -9.78 -26.29 -17.78
CA SER A 378 -10.69 -27.11 -16.95
C SER A 378 -10.83 -26.43 -15.62
N GLY A 379 -11.94 -26.74 -14.94
CA GLY A 379 -12.12 -26.37 -13.52
C GLY A 379 -12.79 -25.03 -13.39
N ARG A 380 -12.63 -24.42 -12.25
CA ARG A 380 -13.34 -23.15 -11.90
C ARG A 380 -12.32 -22.02 -11.82
N TYR A 381 -12.79 -20.83 -12.09
CA TYR A 381 -12.05 -19.55 -11.89
C TYR A 381 -12.74 -18.83 -10.75
N ALA A 382 -12.10 -18.76 -9.61
CA ALA A 382 -12.75 -18.22 -8.40
C ALA A 382 -11.97 -16.98 -7.97
N ILE A 383 -12.68 -15.92 -7.62
CA ILE A 383 -12.08 -14.64 -7.21
C ILE A 383 -12.31 -14.51 -5.72
N ALA A 384 -11.28 -14.73 -4.93
CA ALA A 384 -11.38 -14.54 -3.47
C ALA A 384 -11.32 -13.06 -3.12
N TYR A 385 -12.01 -12.67 -2.07
CA TYR A 385 -12.02 -11.28 -1.58
C TYR A 385 -12.36 -11.23 -0.10
N ASN A 386 -11.89 -10.18 0.56
CA ASN A 386 -12.28 -9.89 1.95
C ASN A 386 -13.62 -9.16 1.91
N ALA A 387 -14.68 -9.69 2.55
CA ALA A 387 -16.05 -9.13 2.41
C ALA A 387 -16.26 -7.90 3.33
N ASP A 388 -15.38 -7.69 4.31
CA ASP A 388 -15.41 -6.57 5.28
C ASP A 388 -15.23 -5.19 4.64
N ALA A 389 -14.72 -5.09 3.41
CA ALA A 389 -14.37 -3.80 2.76
C ALA A 389 -15.29 -3.51 1.56
N GLY A 390 -16.46 -4.16 1.49
CA GLY A 390 -17.55 -3.89 0.51
C GLY A 390 -17.19 -4.24 -0.93
N HIS A 391 -16.35 -5.24 -1.15
CA HIS A 391 -15.97 -5.67 -2.53
C HIS A 391 -16.99 -6.59 -3.20
N ARG A 392 -18.01 -7.04 -2.49
CA ARG A 392 -18.93 -8.09 -3.04
C ARG A 392 -19.44 -7.68 -4.42
N ASP A 393 -19.96 -6.48 -4.57
CA ASP A 393 -20.76 -6.15 -5.78
C ASP A 393 -19.84 -6.15 -7.00
N TRP A 394 -18.63 -5.61 -6.83
CA TRP A 394 -17.71 -5.52 -8.01
C TRP A 394 -17.18 -6.92 -8.31
N VAL A 395 -16.87 -7.73 -7.29
CA VAL A 395 -16.31 -9.06 -7.62
C VAL A 395 -17.37 -9.93 -8.30
N ASP A 396 -18.63 -9.82 -7.89
CA ASP A 396 -19.76 -10.51 -8.54
C ASP A 396 -19.86 -10.07 -9.98
N ALA A 397 -19.77 -8.77 -10.22
CA ALA A 397 -19.87 -8.23 -11.60
C ALA A 397 -18.69 -8.72 -12.44
N VAL A 398 -17.48 -8.73 -11.88
CA VAL A 398 -16.31 -9.16 -12.70
C VAL A 398 -16.46 -10.66 -13.01
N ALA A 399 -16.80 -11.51 -12.03
CA ALA A 399 -16.96 -12.96 -12.28
C ALA A 399 -18.01 -13.18 -13.35
N ASN A 400 -19.13 -12.47 -13.24
CA ASN A 400 -20.25 -12.65 -14.21
C ASN A 400 -19.77 -12.27 -15.61
N SER A 401 -18.95 -11.20 -15.73
CA SER A 401 -18.46 -10.74 -17.04
C SER A 401 -17.55 -11.83 -17.64
N ILE A 402 -16.60 -12.36 -16.86
CA ILE A 402 -15.68 -13.42 -17.32
C ILE A 402 -16.51 -14.64 -17.74
N LYS A 403 -17.47 -15.08 -16.92
CA LYS A 403 -18.29 -16.27 -17.22
C LYS A 403 -19.01 -16.07 -18.57
N ASN A 404 -19.64 -14.92 -18.75
CA ASN A 404 -20.46 -14.61 -19.96
C ASN A 404 -19.61 -14.45 -21.23
N VAL A 405 -18.44 -13.81 -21.13
CA VAL A 405 -17.57 -13.56 -22.31
C VAL A 405 -16.91 -14.88 -22.69
N LEU A 406 -16.29 -15.56 -21.72
CA LEU A 406 -15.40 -16.70 -22.02
C LEU A 406 -16.10 -18.06 -21.95
N GLY A 407 -17.27 -18.12 -21.35
CA GLY A 407 -18.07 -19.37 -21.26
C GLY A 407 -17.40 -20.34 -20.32
N ILE A 408 -16.87 -19.81 -19.23
CA ILE A 408 -16.25 -20.65 -18.16
C ILE A 408 -16.96 -20.47 -16.82
N ASP A 409 -16.70 -21.40 -15.89
CA ASP A 409 -17.25 -21.39 -14.52
C ASP A 409 -16.40 -20.40 -13.73
N ALA A 410 -16.80 -19.13 -13.70
CA ALA A 410 -16.18 -18.05 -12.89
C ALA A 410 -17.13 -17.63 -11.78
N VAL A 411 -16.62 -17.58 -10.56
CA VAL A 411 -17.41 -17.24 -9.37
C VAL A 411 -16.65 -16.31 -8.44
N ALA A 412 -17.38 -15.71 -7.52
CA ALA A 412 -16.83 -14.89 -6.43
C ALA A 412 -16.75 -15.79 -5.21
N ALA A 413 -15.72 -15.61 -4.40
CA ALA A 413 -15.45 -16.46 -3.21
C ALA A 413 -15.10 -15.62 -2.00
N PRO A 414 -16.10 -15.17 -1.23
CA PRO A 414 -15.84 -14.28 -0.11
C PRO A 414 -15.19 -14.96 1.09
N GLN A 415 -14.38 -14.18 1.79
CA GLN A 415 -13.74 -14.49 3.08
C GLN A 415 -14.11 -13.36 4.04
N PRO A 416 -14.27 -13.62 5.35
CA PRO A 416 -14.83 -12.57 6.20
C PRO A 416 -13.91 -11.40 6.59
N THR A 417 -12.59 -11.62 6.67
CA THR A 417 -11.66 -10.59 7.19
C THR A 417 -10.45 -10.40 6.28
N PHE A 418 -10.05 -9.15 6.17
CA PHE A 418 -8.83 -8.79 5.43
C PHE A 418 -7.65 -9.53 6.04
N ALA A 419 -7.54 -9.56 7.36
CA ALA A 419 -6.38 -10.18 8.00
C ALA A 419 -6.26 -11.64 7.58
N GLY A 420 -7.34 -12.42 7.62
CA GLY A 420 -7.30 -13.83 7.20
C GLY A 420 -6.94 -14.03 5.73
N PHE A 421 -7.55 -13.20 4.90
CA PHE A 421 -7.33 -13.15 3.45
C PHE A 421 -5.87 -12.90 3.15
N ARG A 422 -5.30 -11.86 3.75
CA ARG A 422 -3.89 -11.49 3.43
C ARG A 422 -2.95 -12.60 3.92
N THR A 423 -3.27 -13.26 5.03
CA THR A 423 -2.44 -14.32 5.62
C THR A 423 -2.33 -15.47 4.57
N GLN A 424 -3.48 -15.85 3.97
N GLN A 424 -3.45 -15.88 3.93
CA GLN A 424 -3.62 -16.91 2.93
CA GLN A 424 -3.41 -17.02 2.96
C GLN A 424 -2.77 -16.59 1.68
C GLN A 424 -2.72 -16.60 1.64
N ILE A 425 -2.71 -15.32 1.31
CA ILE A 425 -1.96 -14.86 0.11
C ILE A 425 -0.47 -14.92 0.40
N THR A 426 -0.08 -14.43 1.55
CA THR A 426 1.34 -14.31 1.98
C THR A 426 1.98 -15.70 2.14
N ASN A 427 1.30 -16.67 2.72
CA ASN A 427 1.87 -18.02 2.92
C ASN A 427 1.62 -18.89 1.67
N ARG A 428 0.95 -18.35 0.64
CA ARG A 428 0.64 -19.03 -0.66
C ARG A 428 -0.27 -20.24 -0.45
N ALA A 429 -1.01 -20.34 0.67
CA ALA A 429 -2.05 -21.36 0.83
C ALA A 429 -3.22 -21.09 -0.13
N ILE A 430 -3.51 -19.82 -0.47
CA ILE A 430 -4.67 -19.49 -1.33
C ILE A 430 -4.56 -20.28 -2.64
N ASP A 431 -5.71 -20.82 -3.07
CA ASP A 431 -5.76 -21.74 -4.24
C ASP A 431 -6.71 -21.24 -5.31
N SER A 432 -6.78 -19.92 -5.47
CA SER A 432 -7.63 -19.26 -6.47
C SER A 432 -7.02 -17.90 -6.81
N ALA A 433 -7.63 -17.23 -7.75
CA ALA A 433 -7.42 -15.79 -7.95
C ALA A 433 -7.93 -15.01 -6.73
N PHE A 434 -7.55 -13.77 -6.62
CA PHE A 434 -7.96 -12.93 -5.47
C PHE A 434 -7.84 -11.45 -5.85
N ARG A 435 -8.65 -10.61 -5.22
CA ARG A 435 -8.56 -9.15 -5.40
C ARG A 435 -7.30 -8.64 -4.69
N ALA A 436 -6.73 -7.55 -5.24
CA ALA A 436 -5.60 -6.89 -4.58
C ALA A 436 -5.66 -5.40 -4.91
N GLY A 437 -4.80 -4.66 -4.32
CA GLY A 437 -4.80 -3.22 -4.65
C GLY A 437 -3.77 -2.53 -3.80
N TRP A 438 -3.37 -1.39 -4.28
CA TRP A 438 -2.24 -0.66 -3.71
C TRP A 438 -2.72 0.73 -3.31
N ARG A 439 -2.42 1.13 -2.08
CA ARG A 439 -2.58 2.50 -1.54
C ARG A 439 -1.20 3.08 -1.48
N GLY A 440 -0.96 4.16 -2.20
CA GLY A 440 0.39 4.70 -2.26
C GLY A 440 0.98 5.04 -0.90
N ASP A 441 2.28 4.80 -0.75
CA ASP A 441 3.00 5.18 0.49
C ASP A 441 3.61 6.60 0.35
N TYR A 442 4.03 6.95 -0.86
CA TYR A 442 4.51 8.29 -1.23
C TYR A 442 4.23 8.45 -2.71
N PRO A 443 4.10 9.70 -3.20
CA PRO A 443 3.56 9.92 -4.55
C PRO A 443 4.66 9.75 -5.60
N SER A 444 4.88 8.48 -5.95
CA SER A 444 5.92 8.10 -6.93
C SER A 444 5.39 6.89 -7.68
N MET A 445 5.22 6.98 -8.96
CA MET A 445 4.80 5.80 -9.78
C MET A 445 5.71 4.60 -9.50
N ILE A 446 7.04 4.80 -9.37
CA ILE A 446 7.97 3.67 -9.13
C ILE A 446 7.54 2.89 -7.88
N GLU A 447 6.97 3.59 -6.89
CA GLU A 447 6.52 3.01 -5.60
C GLU A 447 5.27 2.12 -5.78
N PHE A 448 4.53 2.29 -6.87
CA PHE A 448 3.36 1.45 -7.18
C PHE A 448 3.76 0.22 -8.00
N LEU A 449 5.04 0.14 -8.43
CA LEU A 449 5.45 -0.98 -9.32
C LEU A 449 6.54 -1.83 -8.64
N ALA A 450 7.56 -1.23 -8.04
CA ALA A 450 8.68 -2.00 -7.46
C ALA A 450 8.16 -2.97 -6.40
N PRO A 451 7.28 -2.59 -5.44
CA PRO A 451 6.84 -3.50 -4.40
C PRO A 451 6.00 -4.69 -4.84
N LEU A 452 5.44 -4.62 -6.05
CA LEU A 452 4.44 -5.59 -6.54
C LEU A 452 5.02 -6.48 -7.63
N PHE A 453 5.92 -5.93 -8.46
CA PHE A 453 6.26 -6.65 -9.72
C PHE A 453 7.75 -6.99 -9.84
N THR A 454 8.59 -6.62 -8.89
CA THR A 454 10.03 -7.00 -8.96
C THR A 454 10.20 -8.37 -8.31
N ALA A 455 11.23 -9.11 -8.73
CA ALA A 455 11.32 -10.56 -8.48
C ALA A 455 11.31 -10.85 -6.99
N GLY A 456 12.05 -10.06 -6.21
CA GLY A 456 12.23 -10.34 -4.77
C GLY A 456 11.22 -9.66 -3.86
N ALA A 457 10.26 -8.89 -4.37
CA ALA A 457 9.43 -8.01 -3.51
C ALA A 457 8.47 -8.81 -2.63
N GLY A 458 8.29 -8.36 -1.41
CA GLY A 458 7.41 -9.02 -0.44
C GLY A 458 5.94 -8.88 -0.80
N SER A 459 5.55 -7.93 -1.62
CA SER A 459 4.12 -7.72 -2.00
C SER A 459 3.88 -8.23 -3.43
N ASN A 460 4.83 -9.04 -3.95
CA ASN A 460 4.62 -9.74 -5.27
C ASN A 460 3.88 -11.04 -4.94
N ASP A 461 2.55 -10.98 -5.01
CA ASP A 461 1.64 -12.01 -4.47
C ASP A 461 1.45 -13.14 -5.50
N VAL A 462 1.78 -12.90 -6.74
CA VAL A 462 1.46 -13.80 -7.87
C VAL A 462 2.67 -14.56 -8.34
N GLY A 463 3.87 -14.18 -7.90
CA GLY A 463 5.11 -14.84 -8.36
C GLY A 463 5.47 -14.43 -9.76
N TYR A 464 5.23 -13.19 -10.11
CA TYR A 464 5.71 -12.67 -11.41
C TYR A 464 7.21 -12.44 -11.35
N ILE A 465 7.93 -12.87 -12.40
CA ILE A 465 9.38 -12.63 -12.48
C ILE A 465 9.69 -12.29 -13.92
N ASN A 466 10.19 -11.09 -14.13
CA ASN A 466 10.68 -10.70 -15.47
C ASN A 466 11.91 -9.84 -15.21
N PRO A 467 13.13 -10.40 -15.30
CA PRO A 467 14.34 -9.60 -15.09
C PRO A 467 14.45 -8.38 -16.00
N GLU A 468 13.83 -8.44 -17.16
CA GLU A 468 13.87 -7.29 -18.11
C GLU A 468 13.05 -6.15 -17.51
N PHE A 469 11.96 -6.48 -16.84
CA PHE A 469 11.18 -5.40 -16.19
C PHE A 469 11.98 -4.80 -15.02
N ASP A 470 12.56 -5.65 -14.16
CA ASP A 470 13.36 -5.17 -13.00
C ASP A 470 14.46 -4.23 -13.52
N ALA A 471 15.10 -4.59 -14.62
CA ALA A 471 16.20 -3.75 -15.17
C ALA A 471 15.63 -2.39 -15.67
N ALA A 472 14.46 -2.39 -16.32
CA ALA A 472 13.84 -1.15 -16.84
C ALA A 472 13.50 -0.24 -15.66
N LEU A 473 13.00 -0.79 -14.54
CA LEU A 473 12.68 0.01 -13.34
C LEU A 473 13.96 0.61 -12.75
N ALA A 474 15.04 -0.17 -12.69
CA ALA A 474 16.35 0.33 -12.16
C ALA A 474 16.82 1.47 -13.09
N ALA A 475 16.61 1.38 -14.41
CA ALA A 475 17.00 2.46 -15.34
C ALA A 475 16.23 3.73 -15.00
N ALA A 476 14.93 3.59 -14.72
CA ALA A 476 14.04 4.71 -14.39
C ALA A 476 14.52 5.37 -13.09
N GLU A 477 14.87 4.57 -12.11
CA GLU A 477 15.31 5.09 -10.78
C GLU A 477 16.64 5.85 -10.93
N ALA A 478 17.44 5.48 -11.93
CA ALA A 478 18.78 6.08 -12.15
C ALA A 478 18.74 7.31 -13.05
N ALA A 479 17.58 7.69 -13.57
CA ALA A 479 17.45 8.84 -14.51
C ALA A 479 17.99 10.13 -13.88
N PRO A 480 18.64 11.01 -14.69
CA PRO A 480 19.24 12.24 -14.17
C PRO A 480 18.21 13.29 -13.74
N THR A 481 16.97 13.20 -14.24
CA THR A 481 15.87 14.14 -13.91
C THR A 481 14.55 13.37 -13.69
N LEU A 482 13.64 14.04 -13.04
CA LEU A 482 12.28 13.55 -12.68
C LEU A 482 11.49 13.29 -13.96
N THR A 483 11.47 14.25 -14.89
CA THR A 483 10.81 14.12 -16.20
C THR A 483 11.36 12.87 -16.90
N GLU A 484 12.68 12.67 -16.96
CA GLU A 484 13.22 11.49 -17.66
C GLU A 484 12.83 10.22 -16.89
N SER A 485 12.85 10.25 -15.55
CA SER A 485 12.44 9.08 -14.74
C SER A 485 11.00 8.67 -15.09
N HIS A 486 10.08 9.64 -15.24
CA HIS A 486 8.63 9.34 -15.51
C HIS A 486 8.52 8.69 -16.89
N GLU A 487 9.27 9.20 -17.86
CA GLU A 487 9.27 8.59 -19.21
C GLU A 487 9.73 7.14 -19.14
N LEU A 488 10.85 6.87 -18.46
CA LEU A 488 11.39 5.50 -18.33
C LEU A 488 10.42 4.59 -17.54
N VAL A 489 9.73 5.09 -16.50
CA VAL A 489 8.75 4.23 -15.77
C VAL A 489 7.66 3.83 -16.76
N ASN A 490 7.20 4.79 -17.55
CA ASN A 490 6.13 4.51 -18.56
C ASN A 490 6.66 3.56 -19.65
N ASP A 491 7.92 3.68 -20.08
CA ASP A 491 8.56 2.67 -20.97
C ASP A 491 8.55 1.29 -20.32
N ALA A 492 8.84 1.20 -19.02
CA ALA A 492 8.86 -0.07 -18.26
C ALA A 492 7.44 -0.70 -18.22
N GLN A 493 6.41 0.12 -18.10
CA GLN A 493 5.00 -0.35 -18.12
C GLN A 493 4.69 -1.07 -19.45
N ARG A 494 5.37 -0.80 -20.58
CA ARG A 494 5.07 -1.57 -21.83
C ARG A 494 5.31 -3.08 -21.61
N ILE A 495 6.28 -3.43 -20.76
CA ILE A 495 6.57 -4.83 -20.43
C ILE A 495 5.38 -5.38 -19.65
N LEU A 496 4.86 -4.59 -18.73
CA LEU A 496 3.68 -5.03 -17.96
C LEU A 496 2.43 -5.18 -18.84
N PHE A 497 2.22 -4.34 -19.82
CA PHE A 497 1.08 -4.51 -20.76
C PHE A 497 1.22 -5.82 -21.51
N HIS A 498 2.43 -6.23 -21.81
CA HIS A 498 2.71 -7.51 -22.55
C HIS A 498 2.42 -8.73 -21.65
N ASP A 499 2.89 -8.69 -20.39
CA ASP A 499 2.91 -9.86 -19.49
C ASP A 499 1.63 -9.90 -18.67
N MET A 500 0.98 -8.75 -18.50
CA MET A 500 -0.24 -8.62 -17.67
C MET A 500 -0.04 -9.40 -16.37
N PRO A 501 0.99 -9.08 -15.50
CA PRO A 501 1.30 -9.84 -14.30
C PRO A 501 0.07 -9.96 -13.41
N VAL A 502 -0.68 -8.86 -13.30
CA VAL A 502 -2.02 -8.83 -12.64
C VAL A 502 -2.91 -8.06 -13.63
N VAL A 503 -4.21 -8.01 -13.37
CA VAL A 503 -5.15 -7.28 -14.25
C VAL A 503 -5.51 -5.97 -13.55
N PRO A 504 -5.04 -4.81 -14.04
CA PRO A 504 -5.39 -3.55 -13.43
C PRO A 504 -6.86 -3.31 -13.72
N LEU A 505 -7.63 -2.91 -12.71
CA LEU A 505 -9.07 -2.67 -12.89
C LEU A 505 -9.38 -1.18 -12.92
N TRP A 506 -9.10 -0.46 -11.86
CA TRP A 506 -9.50 0.97 -11.74
C TRP A 506 -8.74 1.63 -10.60
N ASP A 507 -8.73 2.94 -10.64
CA ASP A 507 -8.19 3.86 -9.60
C ASP A 507 -9.35 4.48 -8.84
N TYR A 508 -9.05 5.06 -7.68
CA TYR A 508 -10.09 5.43 -6.71
C TYR A 508 -10.47 6.92 -6.84
N ILE A 509 -11.77 7.14 -6.69
CA ILE A 509 -12.22 8.46 -6.18
C ILE A 509 -12.63 8.18 -4.75
N SER A 510 -11.82 8.62 -3.77
CA SER A 510 -12.06 8.55 -2.31
C SER A 510 -13.34 9.32 -1.98
N VAL A 511 -14.20 8.73 -1.18
CA VAL A 511 -15.38 9.43 -0.61
C VAL A 511 -15.24 9.20 0.89
N VAL A 512 -15.14 10.29 1.64
CA VAL A 512 -14.93 10.23 3.11
C VAL A 512 -16.03 11.04 3.77
N GLY A 513 -16.64 10.52 4.83
CA GLY A 513 -17.72 11.19 5.55
C GLY A 513 -17.34 11.41 6.98
N TRP A 514 -17.90 12.44 7.62
CA TRP A 514 -17.62 12.70 9.04
C TRP A 514 -18.88 13.25 9.74
N SER A 515 -18.85 13.11 11.06
CA SER A 515 -19.92 13.50 12.02
C SER A 515 -19.86 15.01 12.25
N SER A 516 -20.93 15.60 12.79
CA SER A 516 -20.99 17.06 13.07
C SER A 516 -20.04 17.42 14.22
N GLN A 517 -19.61 16.45 15.03
CA GLN A 517 -18.70 16.70 16.17
C GLN A 517 -17.25 16.97 15.71
N VAL A 518 -16.83 16.58 14.49
CA VAL A 518 -15.40 16.85 14.13
C VAL A 518 -15.33 17.84 12.98
N SER A 519 -14.18 18.49 12.88
CA SER A 519 -13.91 19.48 11.85
C SER A 519 -12.42 19.43 11.51
N ASN A 520 -12.01 20.28 10.58
CA ASN A 520 -10.60 20.34 10.14
C ASN A 520 -10.26 19.00 9.49
N VAL A 521 -11.24 18.36 8.86
CA VAL A 521 -11.07 17.04 8.19
C VAL A 521 -10.53 17.27 6.78
N THR A 522 -9.30 16.82 6.55
CA THR A 522 -8.67 16.87 5.23
C THR A 522 -8.49 15.43 4.84
N VAL A 523 -8.83 15.10 3.59
CA VAL A 523 -8.45 13.80 2.98
C VAL A 523 -7.12 13.96 2.24
N THR A 524 -6.20 13.06 2.53
CA THR A 524 -4.85 13.09 1.94
C THR A 524 -4.86 12.59 0.50
N TRP A 525 -3.70 12.75 -0.12
CA TRP A 525 -3.43 12.34 -1.51
C TRP A 525 -3.64 10.82 -1.72
N ASN A 526 -3.61 10.01 -0.66
CA ASN A 526 -3.76 8.52 -0.77
C ASN A 526 -5.08 8.08 -0.15
N GLY A 527 -6.01 9.03 0.12
CA GLY A 527 -7.39 8.69 0.53
C GLY A 527 -7.58 8.53 2.01
N LEU A 528 -6.57 8.69 2.84
CA LEU A 528 -6.75 8.56 4.31
C LEU A 528 -7.11 9.92 4.86
N PRO A 529 -7.88 9.94 5.95
CA PRO A 529 -8.01 11.16 6.73
C PRO A 529 -6.63 11.61 7.22
N ASP A 530 -6.45 12.92 7.37
CA ASP A 530 -5.26 13.47 8.02
C ASP A 530 -5.46 13.41 9.54
N TYR A 531 -5.18 12.27 10.15
CA TYR A 531 -5.72 11.95 11.50
C TYR A 531 -5.27 12.97 12.56
N GLU A 532 -4.02 13.42 12.51
CA GLU A 532 -3.45 14.28 13.59
C GLU A 532 -4.21 15.60 13.60
N ASN A 533 -4.80 15.98 12.46
CA ASN A 533 -5.32 17.36 12.30
C ASN A 533 -6.82 17.37 12.51
N ILE A 534 -7.47 16.22 12.74
CA ILE A 534 -8.93 16.16 13.02
C ILE A 534 -9.14 16.83 14.38
N VAL A 535 -10.09 17.75 14.44
CA VAL A 535 -10.41 18.50 15.69
C VAL A 535 -11.81 18.06 16.10
N LYS A 536 -12.01 17.78 17.39
CA LYS A 536 -13.31 17.24 17.90
C LYS A 536 -13.88 18.22 18.94
N ALA A 537 -15.10 18.66 18.74
CA ALA A 537 -15.73 19.74 19.54
C ALA A 537 -15.97 19.26 20.97
N SER B 1 1.03 0.48 0.39
CA SER B 1 0.61 -0.64 1.16
C SER B 1 -0.52 -1.38 0.47
N VAL B 2 -0.65 -2.67 0.71
CA VAL B 2 -1.83 -3.42 0.15
C VAL B 2 -3.11 -2.94 0.85
N ALA B 3 -4.15 -2.63 0.07
CA ALA B 3 -5.41 -2.03 0.57
C ALA B 3 -6.38 -3.19 0.84
#